data_5IUA
#
_entry.id   5IUA
#
_cell.length_a   39.560
_cell.length_b   179.979
_cell.length_c   139.924
_cell.angle_alpha   90.00
_cell.angle_beta   90.00
_cell.angle_gamma   90.00
#
_symmetry.space_group_name_H-M   'C 2 2 21'
#
loop_
_entity.id
_entity.type
_entity.pdbx_description
1 polymer 'Adenosine receptor A2a,Soluble cytochrome b562,Adenosine receptor A2a'
2 non-polymer 'SODIUM ION'
3 non-polymer 2-(furan-2-yl)-N~5~-[3-(4-phenylpiperazin-1-yl)propyl][1,2,4]triazolo[1,5-a][1,3,5]triazine-5,7-diamine
4 non-polymer CHOLESTEROL
5 non-polymer 'OLEIC ACID'
6 non-polymer '(2S)-2,3-dihydroxypropyl (9Z)-octadec-9-enoate'
7 water water
#
_entity_poly.entity_id   1
_entity_poly.type   'polypeptide(L)'
_entity_poly.pdbx_seq_one_letter_code
;DYKDDDDGAPPIMGSSVYITVELAIAVLAILGNVLVCWAVWLNSNLQNVTNYFVVSLAAADILVGVLAIPFAITISTGFC
AACHGCLFIACFVLVLAQSSIFSLLAIAIDRYIAIAIPLRYNGLVTGTRAAGIIAICWVLSFAIGLTPMLGWNNCGQPKE
GKAHSQGCGEGQVACLFEDVVPMNYMVYFNFFACVLVPLLLMLGVYLRIFAAARRQLADLEDNWETLNDNLKVIEKADNA
AQVKDALTKMRAAALDAQKATPPKLEDKSPDSPEMKDFRHGFDILVGQIDDALKLANEGKVKEAQAAAEQLKTTRNAYIQ
KYLERARSTLQKEVHAAKSAAIIAGLFALCWLPLHIINCFTFFCPDCSHAPLWLMYLAIVLAHTNSVVNPFIYAYRIREF
RQTFRKIIRSHVLRQQEPFKAAAHHHHHHHHHH
;
_entity_poly.pdbx_strand_id   A
#
# COMPACT_ATOMS: atom_id res chain seq x y z
N GLY A 8 -27.52 14.54 32.95
CA GLY A 8 -26.82 15.24 31.89
C GLY A 8 -25.59 15.96 32.38
N ALA A 9 -24.47 15.23 32.47
CA ALA A 9 -23.22 15.80 32.94
C ALA A 9 -22.81 16.98 32.07
N PRO A 10 -22.08 17.95 32.63
CA PRO A 10 -21.67 19.13 31.85
C PRO A 10 -20.93 18.72 30.58
N PRO A 11 -21.31 19.28 29.44
CA PRO A 11 -20.69 18.85 28.17
C PRO A 11 -19.20 19.07 28.13
N ILE A 12 -18.68 20.07 28.83
CA ILE A 12 -17.24 20.35 28.80
C ILE A 12 -16.42 19.21 29.37
N MET A 13 -16.99 18.37 30.23
CA MET A 13 -16.22 17.29 30.83
C MET A 13 -15.90 16.20 29.81
N GLY A 14 -16.93 15.64 29.17
CA GLY A 14 -16.69 14.70 28.09
C GLY A 14 -15.96 15.33 26.92
N SER A 15 -16.20 16.63 26.68
N SER A 15 -16.18 16.63 26.68
CA SER A 15 -15.48 17.33 25.62
CA SER A 15 -15.47 17.32 25.62
C SER A 15 -13.99 17.44 25.94
C SER A 15 -13.99 17.45 25.93
N SER A 16 -13.64 17.63 27.21
CA SER A 16 -12.24 17.77 27.57
C SER A 16 -11.47 16.50 27.30
N VAL A 17 -12.07 15.34 27.57
CA VAL A 17 -11.42 14.07 27.29
C VAL A 17 -11.21 13.89 25.78
N TYR A 18 -12.24 14.20 25.00
CA TYR A 18 -12.13 14.03 23.55
C TYR A 18 -11.05 14.95 22.98
N ILE A 19 -11.06 16.22 23.38
CA ILE A 19 -10.09 17.18 22.85
C ILE A 19 -8.67 16.79 23.26
N THR A 20 -8.49 16.40 24.53
CA THR A 20 -7.15 16.01 25.00
C THR A 20 -6.62 14.82 24.22
N VAL A 21 -7.47 13.81 23.99
CA VAL A 21 -7.06 12.65 23.20
C VAL A 21 -6.71 13.07 21.78
N GLU A 22 -7.52 13.94 21.18
CA GLU A 22 -7.27 14.40 19.82
C GLU A 22 -5.94 15.13 19.72
N LEU A 23 -5.64 16.01 20.67
CA LEU A 23 -4.37 16.71 20.65
C LEU A 23 -3.20 15.75 20.79
N ALA A 24 -3.36 14.71 21.61
CA ALA A 24 -2.30 13.73 21.78
C ALA A 24 -2.05 12.96 20.47
N ILE A 25 -3.12 12.70 19.73
CA ILE A 25 -2.98 12.03 18.43
C ILE A 25 -2.33 12.96 17.42
N ALA A 26 -2.68 14.25 17.47
CA ALA A 26 -2.11 15.21 16.53
C ALA A 26 -0.61 15.31 16.67
N VAL A 27 -0.10 15.37 17.90
CA VAL A 27 1.34 15.50 18.12
CA VAL A 27 1.34 15.51 18.09
C VAL A 27 2.06 14.25 17.64
N LEU A 28 1.48 13.08 17.88
CA LEU A 28 2.14 11.83 17.47
C LEU A 28 2.09 11.65 15.96
N ALA A 29 1.00 12.07 15.31
CA ALA A 29 0.91 11.96 13.86
C ALA A 29 1.91 12.88 13.18
N ILE A 30 2.13 14.07 13.75
CA ILE A 30 3.09 15.01 13.16
C ILE A 30 4.51 14.49 13.35
N LEU A 31 4.87 14.12 14.58
CA LEU A 31 6.24 13.73 14.88
C LEU A 31 6.64 12.49 14.09
N GLY A 32 5.78 11.47 14.07
CA GLY A 32 6.15 10.23 13.41
C GLY A 32 6.31 10.39 11.91
N ASN A 33 5.38 11.10 11.27
CA ASN A 33 5.41 11.21 9.82
C ASN A 33 6.41 12.25 9.34
N VAL A 34 6.73 13.25 10.16
CA VAL A 34 7.85 14.13 9.82
C VAL A 34 9.15 13.33 9.79
N LEU A 35 9.29 12.38 10.71
CA LEU A 35 10.46 11.50 10.71
C LEU A 35 10.52 10.66 9.44
N VAL A 36 9.36 10.23 8.93
CA VAL A 36 9.33 9.50 7.67
C VAL A 36 9.85 10.36 6.52
N CYS A 37 9.32 11.59 6.41
CA CYS A 37 9.75 12.48 5.33
C CYS A 37 11.21 12.85 5.48
N TRP A 38 11.66 13.09 6.71
CA TRP A 38 13.06 13.41 6.95
C TRP A 38 13.98 12.26 6.54
N ALA A 39 13.55 11.02 6.80
CA ALA A 39 14.38 9.87 6.45
C ALA A 39 14.53 9.72 4.94
N VAL A 40 13.44 9.86 4.19
CA VAL A 40 13.51 9.74 2.74
C VAL A 40 14.35 10.87 2.15
N TRP A 41 14.25 12.08 2.72
CA TRP A 41 15.03 13.20 2.23
C TRP A 41 16.53 12.96 2.41
N LEU A 42 16.92 12.31 3.50
CA LEU A 42 18.33 12.16 3.84
C LEU A 42 18.99 10.95 3.19
N ASN A 43 18.26 9.84 3.05
CA ASN A 43 18.85 8.58 2.61
C ASN A 43 18.51 8.32 1.15
N SER A 44 19.54 8.27 0.30
N SER A 44 19.55 8.26 0.31
CA SER A 44 19.34 7.97 -1.10
CA SER A 44 19.34 7.97 -1.10
C SER A 44 18.87 6.54 -1.34
C SER A 44 18.84 6.55 -1.32
N ASN A 45 19.16 5.63 -0.41
CA ASN A 45 18.66 4.26 -0.52
C ASN A 45 17.16 4.19 -0.29
N LEU A 46 16.55 5.20 0.32
CA LEU A 46 15.11 5.28 0.48
C LEU A 46 14.44 6.09 -0.62
N GLN A 47 15.20 6.61 -1.58
CA GLN A 47 14.66 7.49 -2.61
C GLN A 47 14.34 6.65 -3.84
N ASN A 48 13.13 6.10 -3.86
CA ASN A 48 12.60 5.37 -5.00
C ASN A 48 11.14 5.75 -5.17
N VAL A 49 10.53 5.24 -6.25
CA VAL A 49 9.16 5.61 -6.56
C VAL A 49 8.21 5.16 -5.46
N THR A 50 8.42 3.93 -4.93
CA THR A 50 7.55 3.41 -3.89
C THR A 50 7.50 4.33 -2.68
N ASN A 51 8.64 4.93 -2.33
CA ASN A 51 8.70 5.78 -1.15
C ASN A 51 8.23 7.20 -1.43
N TYR A 52 8.14 7.60 -2.70
CA TYR A 52 7.54 8.90 -3.00
C TYR A 52 6.05 8.90 -2.68
N PHE A 53 5.37 7.77 -2.92
CA PHE A 53 4.00 7.63 -2.47
C PHE A 53 3.92 7.50 -0.96
N VAL A 54 4.93 6.89 -0.35
CA VAL A 54 5.02 6.84 1.12
C VAL A 54 5.09 8.26 1.69
N VAL A 55 5.89 9.13 1.05
CA VAL A 55 6.00 10.51 1.51
C VAL A 55 4.68 11.25 1.31
N SER A 56 4.03 11.05 0.16
CA SER A 56 2.71 11.65 -0.05
CA SER A 56 2.71 11.65 -0.05
C SER A 56 1.72 11.18 1.00
N LEU A 57 1.79 9.90 1.38
CA LEU A 57 0.93 9.37 2.42
C LEU A 57 1.27 9.98 3.78
N ALA A 58 2.56 10.22 4.03
CA ALA A 58 2.96 10.85 5.29
C ALA A 58 2.56 12.32 5.34
N ALA A 59 2.59 13.00 4.20
CA ALA A 59 2.13 14.38 4.16
C ALA A 59 0.65 14.48 4.50
N ALA A 60 -0.15 13.52 4.02
CA ALA A 60 -1.57 13.51 4.36
C ALA A 60 -1.76 13.29 5.85
N ASP A 61 -0.95 12.44 6.46
CA ASP A 61 -1.08 12.18 7.89
C ASP A 61 -0.55 13.34 8.73
N ILE A 62 0.46 14.06 8.22
CA ILE A 62 0.89 15.30 8.88
C ILE A 62 -0.26 16.31 8.88
N LEU A 63 -0.94 16.47 7.75
CA LEU A 63 -2.05 17.43 7.68
C LEU A 63 -3.24 16.99 8.53
N VAL A 64 -3.36 15.70 8.84
CA VAL A 64 -4.39 15.25 9.77
C VAL A 64 -4.16 15.88 11.14
N GLY A 65 -2.90 15.94 11.58
CA GLY A 65 -2.61 16.53 12.87
C GLY A 65 -2.59 18.04 12.85
N VAL A 66 -2.24 18.65 11.71
CA VAL A 66 -2.11 20.11 11.66
C VAL A 66 -3.46 20.77 11.41
N LEU A 67 -4.30 20.17 10.56
CA LEU A 67 -5.54 20.81 10.13
C LEU A 67 -6.78 19.98 10.47
N ALA A 68 -6.80 18.69 10.10
CA ALA A 68 -8.01 17.89 10.26
C ALA A 68 -8.42 17.75 11.72
N ILE A 69 -7.46 17.55 12.62
CA ILE A 69 -7.79 17.36 14.03
C ILE A 69 -8.25 18.69 14.65
N PRO A 70 -7.55 19.81 14.43
CA PRO A 70 -8.15 21.09 14.88
C PRO A 70 -9.51 21.35 14.27
N PHE A 71 -9.74 20.95 13.02
CA PHE A 71 -11.08 21.08 12.43
C PHE A 71 -12.09 20.20 13.14
N ALA A 72 -11.67 18.98 13.53
CA ALA A 72 -12.59 18.07 14.20
C ALA A 72 -12.96 18.58 15.60
N ILE A 73 -11.99 19.16 16.31
CA ILE A 73 -12.28 19.75 17.61
C ILE A 73 -13.28 20.90 17.47
N THR A 74 -13.12 21.69 16.41
CA THR A 74 -13.98 22.87 16.21
C THR A 74 -15.42 22.46 15.95
N ILE A 75 -15.64 21.47 15.07
N ILE A 75 -15.65 21.48 15.06
CA ILE A 75 -17.00 21.08 14.70
CA ILE A 75 -17.02 21.10 14.72
C ILE A 75 -17.69 20.33 15.84
C ILE A 75 -17.70 20.35 15.85
N SER A 76 -16.94 19.76 16.78
CA SER A 76 -17.56 19.08 17.91
C SER A 76 -18.25 20.07 18.85
N THR A 77 -17.95 21.36 18.74
CA THR A 77 -18.58 22.36 19.58
C THR A 77 -19.93 22.82 19.04
N GLY A 78 -20.23 22.54 17.78
CA GLY A 78 -21.46 23.03 17.17
C GLY A 78 -21.54 24.53 17.05
N PHE A 79 -20.40 25.20 16.90
CA PHE A 79 -20.38 26.66 16.88
C PHE A 79 -21.13 27.21 15.68
N CYS A 80 -21.65 28.42 15.84
CA CYS A 80 -22.36 29.09 14.75
C CYS A 80 -21.39 29.45 13.63
N ALA A 81 -21.80 29.14 12.40
CA ALA A 81 -20.93 29.40 11.25
C ALA A 81 -21.77 29.45 9.99
N ALA A 82 -21.28 30.20 9.01
CA ALA A 82 -21.86 30.14 7.67
C ALA A 82 -21.75 28.70 7.16
N CYS A 83 -22.84 28.21 6.57
CA CYS A 83 -22.97 26.77 6.33
C CYS A 83 -21.86 26.25 5.42
N HIS A 84 -21.45 27.04 4.43
CA HIS A 84 -20.42 26.58 3.50
C HIS A 84 -19.04 26.59 4.13
N GLY A 85 -18.79 27.51 5.06
CA GLY A 85 -17.54 27.43 5.82
C GLY A 85 -17.54 26.26 6.78
N CYS A 86 -18.69 25.97 7.38
CA CYS A 86 -18.83 24.75 8.18
C CYS A 86 -18.59 23.52 7.33
N LEU A 87 -19.05 23.55 6.07
N LEU A 87 -19.02 23.56 6.07
CA LEU A 87 -18.86 22.41 5.18
CA LEU A 87 -18.86 22.41 5.18
C LEU A 87 -17.38 22.13 4.96
C LEU A 87 -17.40 22.14 4.86
N PHE A 88 -16.57 23.18 4.79
CA PHE A 88 -15.15 22.98 4.51
C PHE A 88 -14.45 22.33 5.69
N ILE A 89 -14.68 22.86 6.89
N ILE A 89 -14.69 22.82 6.90
CA ILE A 89 -14.15 22.27 8.11
CA ILE A 89 -14.04 22.20 8.06
C ILE A 89 -14.53 20.80 8.21
C ILE A 89 -14.61 20.84 8.40
N ALA A 90 -15.77 20.48 7.83
CA ALA A 90 -16.27 19.13 7.98
C ALA A 90 -15.72 18.17 6.94
N CYS A 91 -15.37 18.67 5.76
CA CYS A 91 -15.03 17.79 4.64
C CYS A 91 -13.54 17.73 4.33
N PHE A 92 -12.71 18.59 4.91
CA PHE A 92 -11.30 18.58 4.56
C PHE A 92 -10.65 17.25 4.91
N VAL A 93 -11.10 16.59 5.98
CA VAL A 93 -10.55 15.29 6.36
C VAL A 93 -10.83 14.26 5.26
N LEU A 94 -11.94 14.42 4.54
CA LEU A 94 -12.24 13.51 3.43
C LEU A 94 -11.24 13.66 2.29
N VAL A 95 -10.68 14.86 2.12
CA VAL A 95 -9.63 15.07 1.13
C VAL A 95 -8.39 14.28 1.50
N LEU A 96 -7.97 14.37 2.76
CA LEU A 96 -6.77 13.66 3.19
C LEU A 96 -6.98 12.16 3.16
N ALA A 97 -8.17 11.69 3.52
CA ALA A 97 -8.46 10.26 3.46
C ALA A 97 -8.44 9.77 2.01
N GLN A 98 -8.97 10.55 1.08
CA GLN A 98 -8.97 10.14 -0.32
C GLN A 98 -7.54 10.11 -0.87
N SER A 99 -6.71 11.07 -0.45
CA SER A 99 -5.31 11.08 -0.87
C SER A 99 -4.58 9.84 -0.35
N SER A 100 -4.87 9.45 0.89
CA SER A 100 -4.27 8.24 1.44
C SER A 100 -4.66 7.02 0.61
N ILE A 101 -5.93 6.94 0.21
CA ILE A 101 -6.40 5.83 -0.61
CA ILE A 101 -6.39 5.82 -0.61
C ILE A 101 -5.64 5.78 -1.93
N PHE A 102 -5.46 6.93 -2.58
CA PHE A 102 -4.72 6.96 -3.84
C PHE A 102 -3.27 6.55 -3.63
N SER A 103 -2.64 6.99 -2.55
CA SER A 103 -1.26 6.60 -2.28
C SER A 103 -1.16 5.09 -2.02
N LEU A 104 -2.07 4.54 -1.22
CA LEU A 104 -2.04 3.11 -0.94
C LEU A 104 -2.24 2.29 -2.20
N LEU A 105 -3.18 2.71 -3.06
CA LEU A 105 -3.42 1.99 -4.31
C LEU A 105 -2.20 2.07 -5.22
N ALA A 106 -1.54 3.22 -5.26
CA ALA A 106 -0.36 3.37 -6.12
C ALA A 106 0.78 2.48 -5.63
N ILE A 107 0.96 2.40 -4.31
CA ILE A 107 2.00 1.54 -3.75
C ILE A 107 1.77 0.08 -4.14
N ALA A 108 0.53 -0.39 -4.04
CA ALA A 108 0.22 -1.77 -4.42
C ALA A 108 0.50 -2.01 -5.90
N ILE A 109 0.07 -1.08 -6.76
CA ILE A 109 0.31 -1.21 -8.19
C ILE A 109 1.80 -1.17 -8.49
N ASP A 110 2.53 -0.30 -7.79
CA ASP A 110 3.98 -0.22 -7.98
C ASP A 110 4.66 -1.54 -7.64
N ARG A 111 4.20 -2.22 -6.60
CA ARG A 111 4.82 -3.49 -6.22
C ARG A 111 4.43 -4.61 -7.18
N TYR A 112 3.22 -4.57 -7.74
CA TYR A 112 2.83 -5.57 -8.73
C TYR A 112 3.67 -5.43 -9.99
N ILE A 113 3.96 -4.20 -10.42
CA ILE A 113 4.79 -4.01 -11.61
C ILE A 113 6.20 -4.53 -11.35
N ALA A 114 6.72 -4.32 -10.14
CA ALA A 114 8.09 -4.74 -9.83
C ALA A 114 8.21 -6.26 -9.83
N ILE A 115 7.16 -6.98 -9.45
CA ILE A 115 7.27 -8.42 -9.33
C ILE A 115 6.80 -9.12 -10.60
N ALA A 116 5.93 -8.49 -11.40
CA ALA A 116 5.40 -9.15 -12.58
C ALA A 116 6.24 -8.87 -13.82
N ILE A 117 6.75 -7.65 -13.96
CA ILE A 117 7.61 -7.30 -15.10
C ILE A 117 8.85 -6.57 -14.61
N PRO A 118 9.74 -7.24 -13.85
CA PRO A 118 10.91 -6.53 -13.32
C PRO A 118 11.89 -6.06 -14.38
N LEU A 119 11.86 -6.64 -15.59
CA LEU A 119 12.81 -6.24 -16.62
C LEU A 119 12.49 -4.86 -17.19
N ARG A 120 11.22 -4.45 -17.15
CA ARG A 120 10.81 -3.15 -17.66
C ARG A 120 10.27 -2.23 -16.58
N TYR A 121 10.51 -2.54 -15.30
CA TYR A 121 10.01 -1.70 -14.22
C TYR A 121 10.68 -0.33 -14.23
N ASN A 122 12.02 -0.32 -14.30
CA ASN A 122 12.75 0.94 -14.21
C ASN A 122 12.47 1.86 -15.40
N GLY A 123 12.16 1.29 -16.57
CA GLY A 123 11.81 2.12 -17.70
C GLY A 123 10.39 2.63 -17.68
N LEU A 124 9.49 1.92 -17.00
CA LEU A 124 8.08 2.30 -16.95
C LEU A 124 7.76 3.17 -15.75
N VAL A 125 8.30 2.84 -14.58
CA VAL A 125 7.98 3.52 -13.33
C VAL A 125 9.16 4.41 -12.98
N THR A 126 9.06 5.69 -13.32
CA THR A 126 10.12 6.67 -13.06
C THR A 126 9.66 7.67 -12.02
N GLY A 127 10.63 8.38 -11.44
CA GLY A 127 10.31 9.36 -10.41
C GLY A 127 9.53 10.54 -10.95
N THR A 128 9.83 10.97 -12.17
CA THR A 128 9.11 12.09 -12.77
C THR A 128 7.66 11.75 -13.02
N ARG A 129 7.39 10.55 -13.54
CA ARG A 129 6.01 10.13 -13.73
C ARG A 129 5.30 9.96 -12.40
N ALA A 130 6.03 9.47 -11.38
CA ALA A 130 5.42 9.31 -10.06
C ALA A 130 5.00 10.65 -9.47
N ALA A 131 5.83 11.69 -9.64
CA ALA A 131 5.49 13.01 -9.12
C ALA A 131 4.27 13.58 -9.83
N GLY A 132 4.13 13.30 -11.14
CA GLY A 132 2.95 13.75 -11.85
C GLY A 132 1.69 13.04 -11.40
N ILE A 133 1.80 11.74 -11.08
CA ILE A 133 0.66 11.00 -10.56
C ILE A 133 0.26 11.53 -9.18
N ILE A 134 1.25 11.86 -8.34
CA ILE A 134 0.96 12.35 -7.00
C ILE A 134 0.20 13.67 -7.06
N ALA A 135 0.62 14.58 -7.94
CA ALA A 135 -0.09 15.85 -8.09
C ALA A 135 -1.52 15.63 -8.57
N ILE A 136 -1.70 14.73 -9.54
CA ILE A 136 -3.03 14.46 -10.07
C ILE A 136 -3.93 13.87 -8.99
N CYS A 137 -3.38 12.98 -8.16
CA CYS A 137 -4.17 12.34 -7.12
C CYS A 137 -4.58 13.34 -6.03
N TRP A 138 -3.73 14.34 -5.76
CA TRP A 138 -4.11 15.37 -4.79
C TRP A 138 -5.22 16.26 -5.34
N VAL A 139 -5.17 16.58 -6.63
CA VAL A 139 -6.23 17.37 -7.23
C VAL A 139 -7.55 16.59 -7.18
N LEU A 140 -7.51 15.30 -7.53
CA LEU A 140 -8.71 14.47 -7.47
C LEU A 140 -9.20 14.30 -6.04
N SER A 141 -8.29 14.29 -5.06
N SER A 141 -8.30 14.31 -5.05
CA SER A 141 -8.71 14.16 -3.67
CA SER A 141 -8.72 14.15 -3.67
C SER A 141 -9.49 15.37 -3.21
C SER A 141 -9.48 15.38 -3.19
N PHE A 142 -9.08 16.57 -3.63
CA PHE A 142 -9.82 17.77 -3.28
C PHE A 142 -11.19 17.78 -3.94
N ALA A 143 -11.27 17.33 -5.19
CA ALA A 143 -12.56 17.30 -5.89
C ALA A 143 -13.51 16.30 -5.24
N ILE A 144 -13.00 15.12 -4.87
CA ILE A 144 -13.84 14.10 -4.25
C ILE A 144 -14.25 14.53 -2.85
N GLY A 145 -13.27 14.94 -2.03
CA GLY A 145 -13.56 15.23 -0.63
C GLY A 145 -14.40 16.49 -0.44
N LEU A 146 -14.25 17.47 -1.33
CA LEU A 146 -15.00 18.72 -1.25
C LEU A 146 -16.20 18.74 -2.18
N THR A 147 -16.62 17.59 -2.70
CA THR A 147 -17.83 17.53 -3.51
C THR A 147 -19.06 18.14 -2.81
N PRO A 148 -19.28 17.94 -1.51
CA PRO A 148 -20.39 18.67 -0.86
C PRO A 148 -20.34 20.18 -1.05
N MET A 149 -19.15 20.77 -1.13
N MET A 149 -19.15 20.76 -1.16
CA MET A 149 -19.07 22.21 -1.36
CA MET A 149 -19.05 22.20 -1.40
C MET A 149 -19.52 22.62 -2.75
C MET A 149 -19.65 22.59 -2.75
N LEU A 150 -19.70 21.65 -3.65
N LEU A 150 -19.68 21.67 -3.71
CA LEU A 150 -20.18 21.91 -5.00
CA LEU A 150 -20.20 21.97 -5.03
C LEU A 150 -21.70 21.92 -5.09
C LEU A 150 -21.71 21.97 -5.10
N GLY A 151 -22.40 21.60 -4.01
CA GLY A 151 -23.85 21.63 -4.01
C GLY A 151 -24.54 20.44 -3.35
N TRP A 152 -23.80 19.35 -3.15
CA TRP A 152 -24.36 18.15 -2.52
C TRP A 152 -24.25 18.31 -1.00
N ASN A 153 -25.10 19.19 -0.46
CA ASN A 153 -25.07 19.49 0.96
C ASN A 153 -26.49 19.77 1.45
N ASN A 154 -26.61 20.02 2.75
CA ASN A 154 -27.87 20.35 3.39
C ASN A 154 -28.00 21.84 3.72
N CYS A 155 -27.14 22.68 3.14
CA CYS A 155 -27.20 24.10 3.45
C CYS A 155 -28.51 24.72 2.99
N GLY A 156 -29.16 24.13 1.98
CA GLY A 156 -30.43 24.63 1.52
C GLY A 156 -31.58 24.36 2.48
N GLN A 157 -31.39 23.48 3.45
CA GLN A 157 -32.43 23.15 4.44
C GLN A 157 -31.84 23.25 5.85
N PRO A 158 -31.47 24.46 6.27
CA PRO A 158 -30.85 24.62 7.60
C PRO A 158 -31.84 24.30 8.71
N LYS A 159 -31.29 23.76 9.81
CA LYS A 159 -32.06 23.52 11.02
C LYS A 159 -32.21 24.86 11.74
N GLU A 160 -33.30 25.57 11.41
CA GLU A 160 -33.48 26.93 11.90
C GLU A 160 -33.71 26.95 13.41
N GLY A 161 -34.43 25.95 13.93
CA GLY A 161 -34.67 25.90 15.37
C GLY A 161 -33.39 25.70 16.15
N LYS A 162 -32.47 24.89 15.63
CA LYS A 162 -31.20 24.69 16.29
CA LYS A 162 -31.20 24.69 16.29
C LYS A 162 -30.34 25.95 16.24
N ALA A 163 -30.36 26.65 15.11
CA ALA A 163 -29.57 27.88 14.98
C ALA A 163 -30.11 28.98 15.89
N HIS A 164 -31.44 29.10 16.02
CA HIS A 164 -32.01 30.13 16.87
C HIS A 164 -31.75 29.84 18.35
N SER A 165 -31.82 28.57 18.74
CA SER A 165 -31.57 28.23 20.14
C SER A 165 -30.13 28.51 20.55
N GLN A 166 -29.19 28.39 19.62
CA GLN A 166 -27.79 28.69 19.90
C GLN A 166 -27.45 30.16 19.65
N GLY A 167 -28.44 30.98 19.31
CA GLY A 167 -28.17 32.39 19.09
C GLY A 167 -27.39 32.69 17.84
N CYS A 168 -27.41 31.79 16.85
CA CYS A 168 -26.69 32.03 15.60
C CYS A 168 -27.32 33.20 14.85
N GLY A 169 -26.48 33.89 14.07
CA GLY A 169 -26.96 35.00 13.29
C GLY A 169 -27.65 34.57 12.01
N GLU A 170 -28.21 35.55 11.31
CA GLU A 170 -28.90 35.27 10.06
C GLU A 170 -27.94 34.67 9.04
N GLY A 171 -28.41 33.64 8.35
CA GLY A 171 -27.57 32.94 7.39
C GLY A 171 -26.58 31.98 8.01
N GLN A 172 -26.64 31.74 9.32
CA GLN A 172 -25.73 30.84 10.00
C GLN A 172 -26.47 29.60 10.49
N VAL A 173 -25.70 28.54 10.70
CA VAL A 173 -26.21 27.28 11.23
C VAL A 173 -25.29 26.82 12.35
N ALA A 174 -25.82 25.95 13.21
CA ALA A 174 -24.97 25.26 14.17
C ALA A 174 -24.10 24.26 13.41
N CYS A 175 -22.80 24.42 13.47
CA CYS A 175 -21.88 23.63 12.66
C CYS A 175 -21.77 22.24 13.25
N LEU A 176 -22.59 21.31 12.72
CA LEU A 176 -22.55 19.91 13.12
C LEU A 176 -22.46 19.05 11.86
N PHE A 177 -21.66 17.98 11.94
CA PHE A 177 -21.32 17.20 10.77
C PHE A 177 -22.57 16.64 10.09
N GLU A 178 -23.39 15.89 10.84
CA GLU A 178 -24.53 15.24 10.24
C GLU A 178 -25.67 16.21 9.91
N ASP A 179 -25.54 17.49 10.26
CA ASP A 179 -26.52 18.47 9.83
C ASP A 179 -26.22 19.07 8.46
N VAL A 180 -24.94 19.19 8.10
CA VAL A 180 -24.57 19.86 6.86
C VAL A 180 -24.12 18.87 5.77
N VAL A 181 -23.55 17.74 6.13
CA VAL A 181 -23.05 16.77 5.15
C VAL A 181 -24.13 15.71 4.93
N PRO A 182 -24.62 15.53 3.71
CA PRO A 182 -25.67 14.53 3.47
C PRO A 182 -25.14 13.12 3.70
N MET A 183 -25.97 12.29 4.35
N MET A 183 -25.97 12.30 4.36
CA MET A 183 -25.54 10.94 4.63
CA MET A 183 -25.55 10.92 4.64
C MET A 183 -25.49 10.07 3.38
C MET A 183 -25.48 10.09 3.37
N ASN A 184 -26.31 10.39 2.37
CA ASN A 184 -26.25 9.63 1.13
C ASN A 184 -24.93 9.87 0.40
N TYR A 185 -24.39 11.08 0.47
CA TYR A 185 -23.03 11.30 -0.03
C TYR A 185 -22.02 10.45 0.74
N MET A 186 -22.16 10.42 2.07
CA MET A 186 -21.17 9.72 2.90
C MET A 186 -21.19 8.22 2.66
N VAL A 187 -22.36 7.65 2.36
CA VAL A 187 -22.50 6.20 2.24
C VAL A 187 -22.25 5.75 0.81
N TYR A 188 -23.02 6.31 -0.14
CA TYR A 188 -22.92 5.86 -1.53
C TYR A 188 -21.66 6.38 -2.20
N PHE A 189 -21.42 7.69 -2.11
CA PHE A 189 -20.34 8.30 -2.86
C PHE A 189 -19.00 8.13 -2.16
N ASN A 190 -18.90 8.58 -0.91
CA ASN A 190 -17.62 8.54 -0.22
C ASN A 190 -17.23 7.11 0.15
N PHE A 191 -18.10 6.41 0.88
CA PHE A 191 -17.76 5.08 1.35
C PHE A 191 -17.74 4.04 0.23
N PHE A 192 -18.90 3.77 -0.37
CA PHE A 192 -19.00 2.69 -1.36
C PHE A 192 -18.07 2.95 -2.55
N ALA A 193 -18.25 4.09 -3.22
CA ALA A 193 -17.56 4.34 -4.48
C ALA A 193 -16.10 4.70 -4.27
N CYS A 194 -15.81 5.60 -3.32
CA CYS A 194 -14.51 6.22 -3.22
C CYS A 194 -13.59 5.56 -2.19
N VAL A 195 -14.12 4.74 -1.29
CA VAL A 195 -13.33 4.06 -0.27
C VAL A 195 -13.38 2.54 -0.44
N LEU A 196 -14.58 1.98 -0.52
N LEU A 196 -14.58 1.98 -0.48
CA LEU A 196 -14.73 0.53 -0.51
CA LEU A 196 -14.73 0.52 -0.52
C LEU A 196 -14.21 -0.09 -1.81
C LEU A 196 -14.16 -0.06 -1.81
N VAL A 197 -14.57 0.50 -2.96
CA VAL A 197 -14.12 -0.05 -4.23
C VAL A 197 -12.60 0.01 -4.37
N PRO A 198 -11.91 1.13 -4.08
CA PRO A 198 -10.45 1.10 -4.17
C PRO A 198 -9.80 0.12 -3.19
N LEU A 199 -10.34 -0.03 -1.98
CA LEU A 199 -9.77 -1.00 -1.05
C LEU A 199 -9.90 -2.42 -1.59
N LEU A 200 -11.05 -2.75 -2.19
CA LEU A 200 -11.21 -4.07 -2.81
C LEU A 200 -10.27 -4.23 -4.00
N LEU A 201 -9.98 -3.14 -4.71
CA LEU A 201 -8.99 -3.21 -5.79
C LEU A 201 -7.59 -3.49 -5.24
N MET A 202 -7.22 -2.82 -4.14
CA MET A 202 -5.93 -3.10 -3.51
C MET A 202 -5.85 -4.56 -3.09
N LEU A 203 -6.94 -5.10 -2.55
CA LEU A 203 -6.97 -6.51 -2.19
C LEU A 203 -6.70 -7.40 -3.39
N GLY A 204 -7.31 -7.08 -4.53
CA GLY A 204 -7.08 -7.87 -5.73
C GLY A 204 -5.65 -7.75 -6.23
N VAL A 205 -5.06 -6.56 -6.11
CA VAL A 205 -3.69 -6.37 -6.53
C VAL A 205 -2.74 -7.19 -5.66
N TYR A 206 -2.92 -7.14 -4.34
CA TYR A 206 -2.03 -7.90 -3.46
C TYR A 206 -2.19 -9.40 -3.66
N LEU A 207 -3.42 -9.86 -3.88
CA LEU A 207 -3.62 -11.28 -4.19
C LEU A 207 -2.84 -11.68 -5.44
N ARG A 208 -2.82 -10.82 -6.45
CA ARG A 208 -2.06 -11.09 -7.66
C ARG A 208 -0.56 -11.03 -7.39
N ILE A 209 -0.13 -10.16 -6.47
CA ILE A 209 1.29 -10.06 -6.13
C ILE A 209 1.77 -11.37 -5.51
N PHE A 210 1.08 -11.83 -4.47
CA PHE A 210 1.50 -13.05 -3.78
C PHE A 210 1.35 -14.27 -4.66
N ALA A 211 0.32 -14.31 -5.51
CA ALA A 211 0.20 -15.40 -6.46
C ALA A 211 1.34 -15.40 -7.46
N ALA A 212 1.77 -14.21 -7.90
CA ALA A 212 2.89 -14.14 -8.83
C ALA A 212 4.19 -14.55 -8.15
N ALA A 213 4.37 -14.17 -6.88
CA ALA A 213 5.58 -14.56 -6.15
C ALA A 213 5.65 -16.07 -5.97
N ARG A 214 4.53 -16.67 -5.57
CA ARG A 214 4.50 -18.12 -5.37
C ARG A 214 4.74 -18.87 -6.67
N ARG A 215 4.22 -18.35 -7.79
CA ARG A 215 4.44 -19.00 -9.07
C ARG A 215 5.90 -18.89 -9.51
N GLN A 216 6.51 -17.72 -9.33
CA GLN A 216 7.89 -17.54 -9.76
C GLN A 216 8.86 -18.36 -8.91
N LEU A 217 8.58 -18.49 -7.62
CA LEU A 217 9.42 -19.34 -6.77
C LEU A 217 9.30 -20.80 -7.18
N ALA A 218 8.10 -21.24 -7.54
CA ALA A 218 7.92 -22.62 -7.98
C ALA A 218 8.62 -22.87 -9.31
N ASP A 219 8.63 -21.88 -10.20
CA ASP A 219 9.32 -22.04 -11.48
C ASP A 219 10.83 -22.13 -11.27
N LEU A 220 11.37 -21.36 -10.33
CA LEU A 220 12.78 -21.47 -9.99
C LEU A 220 13.11 -22.87 -9.49
N GLU A 221 12.28 -23.40 -8.60
CA GLU A 221 12.54 -24.73 -8.06
C GLU A 221 12.31 -25.83 -9.10
N ASP A 222 11.37 -25.61 -10.01
CA ASP A 222 11.12 -26.63 -11.05
C ASP A 222 12.29 -26.74 -12.03
N ASN A 223 12.84 -25.60 -12.45
CA ASN A 223 14.01 -25.65 -13.32
C ASN A 223 15.21 -26.27 -12.61
N TRP A 224 15.34 -26.04 -11.30
CA TRP A 224 16.42 -26.66 -10.54
C TRP A 224 16.23 -28.16 -10.45
N GLU A 225 15.00 -28.62 -10.20
CA GLU A 225 14.74 -30.06 -10.15
C GLU A 225 14.93 -30.69 -11.52
N THR A 226 14.46 -30.03 -12.58
CA THR A 226 14.60 -30.57 -13.92
C THR A 226 16.07 -30.74 -14.30
N LEU A 227 16.92 -29.78 -13.88
CA LEU A 227 18.35 -29.87 -14.16
C LEU A 227 18.96 -31.09 -13.50
N ASN A 228 18.65 -31.31 -12.21
CA ASN A 228 19.25 -32.42 -11.48
C ASN A 228 18.65 -33.77 -11.86
N ASP A 229 17.36 -33.80 -12.23
CA ASP A 229 16.74 -35.05 -12.65
C ASP A 229 17.33 -35.55 -13.97
N ASN A 230 17.46 -34.65 -14.94
CA ASN A 230 17.97 -35.05 -16.24
C ASN A 230 19.45 -35.41 -16.18
N LEU A 231 20.19 -34.85 -15.22
CA LEU A 231 21.57 -35.31 -15.00
C LEU A 231 21.59 -36.77 -14.60
N LYS A 232 20.68 -37.18 -13.72
CA LYS A 232 20.59 -38.59 -13.33
C LYS A 232 20.17 -39.46 -14.50
N VAL A 233 19.27 -38.94 -15.35
CA VAL A 233 18.83 -39.70 -16.53
C VAL A 233 20.01 -39.99 -17.46
N ILE A 234 20.89 -39.01 -17.64
CA ILE A 234 22.05 -39.19 -18.50
C ILE A 234 23.01 -40.22 -17.91
N GLU A 235 23.18 -40.19 -16.59
CA GLU A 235 24.14 -41.09 -15.94
C GLU A 235 23.76 -42.55 -16.14
N LYS A 236 22.47 -42.86 -16.05
CA LYS A 236 22.00 -44.24 -16.17
C LYS A 236 21.33 -44.51 -17.51
N ALA A 237 21.68 -43.76 -18.55
CA ALA A 237 21.22 -44.06 -19.88
C ALA A 237 22.06 -45.19 -20.47
N ASP A 238 21.46 -45.90 -21.43
CA ASP A 238 22.12 -47.04 -22.07
C ASP A 238 22.35 -46.85 -23.56
N ASN A 239 21.85 -45.77 -24.16
CA ASN A 239 22.11 -45.48 -25.56
C ASN A 239 22.24 -43.98 -25.75
N ALA A 240 22.75 -43.59 -26.92
CA ALA A 240 22.99 -42.18 -27.19
C ALA A 240 21.70 -41.39 -27.34
N ALA A 241 20.63 -42.04 -27.81
CA ALA A 241 19.37 -41.33 -28.01
C ALA A 241 18.78 -40.86 -26.68
N GLN A 242 18.92 -41.68 -25.63
CA GLN A 242 18.39 -41.29 -24.33
C GLN A 242 19.15 -40.11 -23.74
N VAL A 243 20.48 -40.10 -23.91
CA VAL A 243 21.27 -38.96 -23.49
C VAL A 243 20.85 -37.72 -24.25
N LYS A 244 20.56 -37.88 -25.55
CA LYS A 244 20.13 -36.75 -26.36
C LYS A 244 18.81 -36.17 -25.87
N ASP A 245 17.87 -37.04 -25.51
CA ASP A 245 16.57 -36.57 -25.01
C ASP A 245 16.73 -35.71 -23.78
N ALA A 246 17.54 -36.17 -22.81
CA ALA A 246 17.69 -35.43 -21.57
C ALA A 246 18.44 -34.12 -21.78
N LEU A 247 19.41 -34.11 -22.70
CA LEU A 247 20.20 -32.90 -22.92
C LEU A 247 19.38 -31.81 -23.60
N THR A 248 18.47 -32.18 -24.50
N THR A 248 18.48 -32.20 -24.51
CA THR A 248 17.63 -31.18 -25.15
CA THR A 248 17.63 -31.21 -25.16
C THR A 248 16.70 -30.50 -24.16
C THR A 248 16.71 -30.52 -24.16
N LYS A 249 16.18 -31.26 -23.19
CA LYS A 249 15.35 -30.66 -22.15
C LYS A 249 16.17 -29.79 -21.22
N MET A 250 17.43 -30.16 -20.97
CA MET A 250 18.29 -29.33 -20.13
C MET A 250 18.63 -28.02 -20.84
N ARG A 251 18.86 -28.06 -22.15
CA ARG A 251 19.23 -26.85 -22.87
C ARG A 251 18.08 -25.85 -22.93
N ALA A 252 16.86 -26.34 -23.20
CA ALA A 252 15.70 -25.45 -23.23
C ALA A 252 15.44 -24.83 -21.86
N ALA A 253 15.67 -25.57 -20.78
CA ALA A 253 15.50 -25.03 -19.44
C ALA A 253 16.61 -24.06 -19.09
N ALA A 254 17.83 -24.31 -19.57
CA ALA A 254 18.96 -23.43 -19.25
C ALA A 254 18.74 -22.04 -19.85
N LEU A 255 18.33 -21.98 -21.11
CA LEU A 255 17.98 -20.69 -21.71
C LEU A 255 16.76 -20.09 -21.03
N ASP A 256 15.83 -20.94 -20.58
CA ASP A 256 14.63 -20.44 -19.91
C ASP A 256 14.97 -19.88 -18.53
N ALA A 257 15.95 -20.46 -17.84
CA ALA A 257 16.40 -19.92 -16.56
C ALA A 257 17.29 -18.69 -16.74
N GLN A 258 17.85 -18.49 -17.94
CA GLN A 258 18.71 -17.35 -18.18
C GLN A 258 17.90 -16.06 -18.36
N LYS A 259 16.68 -16.17 -18.87
CA LYS A 259 15.82 -15.01 -19.08
C LYS A 259 15.37 -14.40 -17.76
N LYS A 276 27.41 -10.37 -14.79
CA LYS A 276 28.54 -10.85 -15.57
C LYS A 276 28.91 -12.28 -15.15
N ASP A 277 29.09 -12.47 -13.83
CA ASP A 277 29.29 -13.82 -13.31
C ASP A 277 28.05 -14.67 -13.50
N PHE A 278 26.87 -14.05 -13.49
CA PHE A 278 25.64 -14.75 -13.82
C PHE A 278 25.65 -15.20 -15.28
N ARG A 279 26.01 -14.29 -16.19
CA ARG A 279 26.00 -14.62 -17.61
C ARG A 279 27.08 -15.63 -17.96
N HIS A 280 28.27 -15.49 -17.36
CA HIS A 280 29.34 -16.45 -17.61
C HIS A 280 28.94 -17.85 -17.18
N GLY A 281 28.26 -17.97 -16.04
CA GLY A 281 27.84 -19.28 -15.56
C GLY A 281 26.87 -19.96 -16.50
N PHE A 282 25.91 -19.20 -17.05
CA PHE A 282 24.98 -19.79 -18.00
C PHE A 282 25.61 -19.96 -19.38
N ASP A 283 26.58 -19.12 -19.73
CA ASP A 283 27.32 -19.34 -20.97
C ASP A 283 28.08 -20.65 -20.92
N ILE A 284 28.71 -20.95 -19.78
CA ILE A 284 29.41 -22.22 -19.62
C ILE A 284 28.42 -23.39 -19.67
N LEU A 285 27.28 -23.23 -18.99
CA LEU A 285 26.32 -24.33 -18.88
C LEU A 285 25.77 -24.70 -20.25
N VAL A 286 25.32 -23.71 -21.02
CA VAL A 286 24.75 -23.99 -22.34
C VAL A 286 25.82 -24.55 -23.26
N GLY A 287 27.04 -23.99 -23.20
CA GLY A 287 28.12 -24.51 -24.03
C GLY A 287 28.48 -25.94 -23.70
N GLN A 288 28.51 -26.28 -22.41
CA GLN A 288 28.81 -27.66 -22.02
C GLN A 288 27.70 -28.61 -22.43
N ILE A 289 26.44 -28.13 -22.43
CA ILE A 289 25.35 -28.94 -22.93
C ILE A 289 25.51 -29.20 -24.43
N ASP A 290 25.89 -28.16 -25.19
CA ASP A 290 26.12 -28.35 -26.62
C ASP A 290 27.28 -29.31 -26.88
N ASP A 291 28.28 -29.32 -26.00
CA ASP A 291 29.38 -30.28 -26.16
C ASP A 291 28.88 -31.71 -26.04
N ALA A 292 28.12 -32.00 -24.98
CA ALA A 292 27.61 -33.35 -24.77
C ALA A 292 26.56 -33.72 -25.83
N LEU A 293 25.78 -32.74 -26.29
N LEU A 293 25.77 -32.75 -26.28
CA LEU A 293 24.78 -33.04 -27.31
CA LEU A 293 24.78 -33.03 -27.32
C LEU A 293 25.43 -33.43 -28.63
C LEU A 293 25.44 -33.45 -28.61
N LYS A 294 26.57 -32.81 -28.95
CA LYS A 294 27.27 -33.16 -30.19
C LYS A 294 27.83 -34.58 -30.12
N LEU A 295 28.35 -34.97 -28.95
CA LEU A 295 28.82 -36.34 -28.78
C LEU A 295 27.66 -37.33 -28.83
N ALA A 296 26.50 -36.95 -28.29
CA ALA A 296 25.33 -37.83 -28.33
C ALA A 296 24.84 -38.04 -29.76
N ASN A 297 24.81 -36.97 -30.56
CA ASN A 297 24.38 -37.10 -31.95
C ASN A 297 25.33 -37.96 -32.78
N GLU A 298 26.58 -38.10 -32.35
CA GLU A 298 27.54 -38.97 -33.00
C GLU A 298 27.48 -40.41 -32.48
N GLY A 299 26.61 -40.69 -31.52
CA GLY A 299 26.50 -42.02 -30.97
C GLY A 299 27.56 -42.40 -29.97
N LYS A 300 28.23 -41.43 -29.35
CA LYS A 300 29.28 -41.69 -28.38
C LYS A 300 28.69 -41.50 -26.98
N VAL A 301 28.13 -42.58 -26.44
CA VAL A 301 27.38 -42.49 -25.19
C VAL A 301 28.30 -42.24 -24.02
N LYS A 302 29.34 -43.08 -23.87
N LYS A 302 29.34 -43.08 -23.87
CA LYS A 302 30.28 -42.90 -22.77
CA LYS A 302 30.28 -42.90 -22.77
C LYS A 302 30.95 -41.54 -22.81
C LYS A 302 30.95 -41.54 -22.81
N GLU A 303 31.31 -41.07 -24.01
CA GLU A 303 31.94 -39.77 -24.13
C GLU A 303 30.96 -38.64 -23.85
N ALA A 304 29.69 -38.81 -24.23
CA ALA A 304 28.68 -37.81 -23.93
C ALA A 304 28.38 -37.75 -22.44
N GLN A 305 28.33 -38.90 -21.77
CA GLN A 305 28.07 -38.93 -20.33
C GLN A 305 29.19 -38.28 -19.56
N ALA A 306 30.44 -38.50 -19.96
CA ALA A 306 31.57 -37.85 -19.30
C ALA A 306 31.54 -36.34 -19.50
N ALA A 307 31.13 -35.89 -20.69
CA ALA A 307 31.01 -34.46 -20.93
C ALA A 307 29.89 -33.85 -20.11
N ALA A 308 28.79 -34.59 -19.95
CA ALA A 308 27.67 -34.11 -19.13
C ALA A 308 28.02 -34.08 -17.65
N GLU A 309 28.99 -34.86 -17.22
CA GLU A 309 29.42 -34.82 -15.82
C GLU A 309 30.10 -33.48 -15.48
N GLN A 310 30.68 -32.82 -16.49
CA GLN A 310 31.26 -31.51 -16.27
C GLN A 310 30.23 -30.47 -15.86
N LEU A 311 28.96 -30.71 -16.19
CA LEU A 311 27.91 -29.76 -15.83
C LEU A 311 27.78 -29.60 -14.33
N LYS A 312 28.14 -30.63 -13.56
CA LYS A 312 28.01 -30.55 -12.10
C LYS A 312 28.94 -29.50 -11.51
N THR A 313 30.11 -29.31 -12.11
CA THR A 313 31.01 -28.25 -11.65
C THR A 313 30.39 -26.88 -11.89
N THR A 314 29.79 -26.68 -13.06
CA THR A 314 29.14 -25.40 -13.35
C THR A 314 27.92 -25.19 -12.45
N ARG A 315 27.18 -26.26 -12.17
CA ARG A 315 25.99 -26.15 -11.33
C ARG A 315 26.36 -25.73 -9.91
N ASN A 316 27.39 -26.34 -9.35
CA ASN A 316 27.80 -26.01 -7.98
C ASN A 316 28.41 -24.62 -7.90
N ALA A 317 29.23 -24.25 -8.90
CA ALA A 317 29.98 -23.01 -8.80
C ALA A 317 29.18 -21.80 -9.26
N TYR A 318 28.19 -21.98 -10.13
CA TYR A 318 27.48 -20.84 -10.70
C TYR A 318 25.97 -20.94 -10.51
N ILE A 319 25.36 -22.03 -11.00
CA ILE A 319 23.90 -22.09 -11.13
C ILE A 319 23.24 -22.05 -9.76
N GLN A 320 23.79 -22.77 -8.78
CA GLN A 320 23.19 -22.80 -7.46
C GLN A 320 23.21 -21.43 -6.80
N LYS A 321 24.24 -20.63 -7.07
CA LYS A 321 24.30 -19.29 -6.49
C LYS A 321 23.23 -18.38 -7.06
N TYR A 322 22.95 -18.49 -8.35
CA TYR A 322 21.87 -17.70 -8.94
C TYR A 322 20.51 -18.14 -8.41
N LEU A 323 20.31 -19.45 -8.24
CA LEU A 323 19.06 -19.95 -7.68
C LEU A 323 18.82 -19.38 -6.29
N GLU A 324 19.86 -19.36 -5.45
CA GLU A 324 19.70 -18.88 -4.08
C GLU A 324 19.50 -17.36 -4.04
N ARG A 325 20.13 -16.63 -4.96
CA ARG A 325 19.96 -15.18 -5.00
C ARG A 325 18.61 -14.80 -5.60
N ALA A 326 18.20 -15.48 -6.67
CA ALA A 326 16.88 -15.24 -7.23
C ALA A 326 15.79 -15.57 -6.21
N ARG A 327 16.00 -16.62 -5.41
CA ARG A 327 15.07 -16.94 -4.35
C ARG A 327 15.07 -15.87 -3.27
N SER A 328 16.26 -15.36 -2.92
CA SER A 328 16.35 -14.33 -1.88
C SER A 328 15.69 -13.03 -2.34
N THR A 329 15.82 -12.69 -3.62
CA THR A 329 15.20 -11.46 -4.10
C THR A 329 13.68 -11.56 -4.06
N LEU A 330 13.13 -12.70 -4.47
CA LEU A 330 11.68 -12.88 -4.44
C LEU A 330 11.14 -12.85 -3.02
N GLN A 331 11.85 -13.45 -2.07
CA GLN A 331 11.38 -13.46 -0.69
C GLN A 331 11.41 -12.07 -0.08
N LYS A 332 12.36 -11.23 -0.51
CA LYS A 332 12.36 -9.84 -0.05
C LYS A 332 11.21 -9.06 -0.67
N GLU A 333 10.80 -9.40 -1.89
CA GLU A 333 9.66 -8.74 -2.50
C GLU A 333 8.36 -9.16 -1.82
N VAL A 334 8.26 -10.41 -1.39
CA VAL A 334 7.09 -10.85 -0.63
C VAL A 334 7.04 -10.12 0.70
N HIS A 335 8.18 -9.99 1.37
CA HIS A 335 8.21 -9.32 2.67
C HIS A 335 7.86 -7.84 2.53
N ALA A 336 8.33 -7.20 1.46
CA ALA A 336 7.99 -5.80 1.24
C ALA A 336 6.52 -5.63 0.88
N ALA A 337 5.97 -6.58 0.13
CA ALA A 337 4.55 -6.50 -0.21
C ALA A 337 3.68 -6.72 1.02
N LYS A 338 4.10 -7.63 1.91
CA LYS A 338 3.34 -7.85 3.14
C LYS A 338 3.33 -6.61 4.02
N SER A 339 4.46 -5.89 4.08
CA SER A 339 4.52 -4.67 4.88
C SER A 339 3.57 -3.61 4.32
N ALA A 340 3.53 -3.46 3.00
CA ALA A 340 2.62 -2.48 2.40
C ALA A 340 1.17 -2.89 2.58
N ALA A 341 0.88 -4.19 2.49
CA ALA A 341 -0.50 -4.65 2.67
C ALA A 341 -0.97 -4.47 4.12
N ILE A 342 -0.05 -4.58 5.08
CA ILE A 342 -0.40 -4.30 6.48
C ILE A 342 -0.82 -2.85 6.63
N ILE A 343 -0.11 -1.94 5.94
CA ILE A 343 -0.47 -0.52 5.98
C ILE A 343 -1.87 -0.32 5.42
N ALA A 344 -2.16 -0.94 4.27
CA ALA A 344 -3.49 -0.80 3.68
C ALA A 344 -4.57 -1.43 4.55
N GLY A 345 -4.25 -2.56 5.20
CA GLY A 345 -5.22 -3.20 6.08
C GLY A 345 -5.51 -2.38 7.32
N LEU A 346 -4.47 -1.73 7.86
CA LEU A 346 -4.66 -0.90 9.06
C LEU A 346 -5.48 0.35 8.75
N PHE A 347 -5.34 0.88 7.53
CA PHE A 347 -6.23 1.96 7.09
C PHE A 347 -7.69 1.50 7.12
N ALA A 348 -7.96 0.31 6.59
CA ALA A 348 -9.33 -0.18 6.57
C ALA A 348 -9.86 -0.40 7.99
N LEU A 349 -9.06 -1.02 8.85
N LEU A 349 -9.05 -1.01 8.85
CA LEU A 349 -9.49 -1.28 10.22
CA LEU A 349 -9.51 -1.28 10.22
C LEU A 349 -9.78 0.00 10.98
C LEU A 349 -9.78 0.01 10.99
N CYS A 350 -9.02 1.07 10.72
CA CYS A 350 -9.21 2.31 11.46
C CYS A 350 -10.37 3.14 10.93
N TRP A 351 -10.69 3.03 9.64
CA TRP A 351 -11.75 3.84 9.04
C TRP A 351 -13.08 3.13 8.90
N LEU A 352 -13.09 1.79 8.83
CA LEU A 352 -14.35 1.08 8.63
C LEU A 352 -15.39 1.30 9.71
N PRO A 353 -15.06 1.30 11.01
CA PRO A 353 -16.11 1.51 12.02
C PRO A 353 -16.91 2.79 11.79
N LEU A 354 -16.22 3.91 11.49
CA LEU A 354 -16.93 5.16 11.25
C LEU A 354 -17.82 5.06 10.03
N HIS A 355 -17.34 4.41 8.95
CA HIS A 355 -18.16 4.23 7.76
C HIS A 355 -19.35 3.31 8.05
N ILE A 356 -19.13 2.25 8.83
CA ILE A 356 -20.21 1.32 9.14
C ILE A 356 -21.28 2.00 9.98
N ILE A 357 -20.87 2.87 10.91
CA ILE A 357 -21.85 3.62 11.71
C ILE A 357 -22.72 4.50 10.80
N ASN A 358 -22.10 5.17 9.82
CA ASN A 358 -22.87 5.95 8.88
C ASN A 358 -23.86 5.10 8.10
N CYS A 359 -23.49 3.85 7.79
CA CYS A 359 -24.44 2.96 7.11
C CYS A 359 -25.65 2.67 8.00
N PHE A 360 -25.43 2.42 9.29
CA PHE A 360 -26.55 2.19 10.20
C PHE A 360 -27.45 3.41 10.30
N THR A 361 -26.86 4.60 10.43
CA THR A 361 -27.63 5.84 10.49
C THR A 361 -28.45 6.02 9.22
N PHE A 362 -27.87 5.71 8.07
CA PHE A 362 -28.51 5.95 6.79
C PHE A 362 -29.55 4.89 6.46
N PHE A 363 -29.17 3.61 6.58
CA PHE A 363 -30.03 2.54 6.10
C PHE A 363 -31.11 2.13 7.10
N CYS A 364 -30.90 2.38 8.40
CA CYS A 364 -31.86 1.99 9.43
C CYS A 364 -32.33 3.24 10.19
N PRO A 365 -33.28 3.99 9.63
CA PRO A 365 -33.85 5.11 10.39
C PRO A 365 -34.71 4.65 11.57
N ASP A 366 -35.11 3.38 11.61
CA ASP A 366 -35.82 2.84 12.76
C ASP A 366 -34.88 2.44 13.91
N CYS A 367 -33.59 2.34 13.64
CA CYS A 367 -32.61 2.09 14.69
C CYS A 367 -32.26 3.39 15.40
N SER A 368 -32.07 3.31 16.71
N SER A 368 -32.06 3.31 16.71
CA SER A 368 -31.57 4.46 17.46
CA SER A 368 -31.58 4.46 17.45
C SER A 368 -30.18 4.81 16.98
C SER A 368 -30.17 4.82 17.00
N HIS A 369 -29.88 6.11 16.95
CA HIS A 369 -28.58 6.57 16.49
C HIS A 369 -27.48 6.04 17.40
N ALA A 370 -26.35 5.69 16.81
CA ALA A 370 -25.21 5.26 17.61
C ALA A 370 -24.90 6.32 18.67
N PRO A 371 -24.60 5.92 19.90
CA PRO A 371 -24.45 6.90 20.98
C PRO A 371 -23.28 7.84 20.73
N LEU A 372 -23.32 8.99 21.42
CA LEU A 372 -22.34 10.04 21.19
C LEU A 372 -20.93 9.56 21.51
N TRP A 373 -20.77 8.81 22.61
CA TRP A 373 -19.42 8.36 22.98
C TRP A 373 -18.84 7.42 21.93
N LEU A 374 -19.69 6.65 21.24
CA LEU A 374 -19.22 5.74 20.21
C LEU A 374 -18.88 6.48 18.92
N MET A 375 -19.60 7.56 18.62
CA MET A 375 -19.23 8.39 17.47
C MET A 375 -17.82 8.91 17.62
N TYR A 376 -17.49 9.46 18.79
CA TYR A 376 -16.17 10.03 18.99
C TYR A 376 -15.10 8.97 19.19
N LEU A 377 -15.46 7.78 19.66
CA LEU A 377 -14.50 6.68 19.65
C LEU A 377 -14.14 6.30 18.23
N ALA A 378 -15.12 6.26 17.33
CA ALA A 378 -14.84 5.96 15.93
C ALA A 378 -14.04 7.07 15.27
N ILE A 379 -14.29 8.33 15.65
CA ILE A 379 -13.54 9.45 15.08
C ILE A 379 -12.09 9.40 15.53
N VAL A 380 -11.86 9.14 16.82
N VAL A 380 -11.84 9.13 16.82
CA VAL A 380 -10.50 9.06 17.34
CA VAL A 380 -10.45 9.11 17.26
C VAL A 380 -9.74 7.90 16.71
C VAL A 380 -9.72 7.88 16.70
N LEU A 381 -10.43 6.78 16.49
CA LEU A 381 -9.79 5.60 15.89
C LEU A 381 -9.34 5.88 14.47
N ALA A 382 -10.17 6.57 13.69
CA ALA A 382 -9.76 6.97 12.34
C ALA A 382 -8.54 7.87 12.38
N HIS A 383 -8.49 8.79 13.34
CA HIS A 383 -7.34 9.68 13.45
C HIS A 383 -6.08 8.93 13.87
N THR A 384 -6.22 7.88 14.69
N THR A 384 -6.21 7.88 14.68
CA THR A 384 -5.08 7.09 15.13
CA THR A 384 -5.03 7.13 15.11
C THR A 384 -4.34 6.45 13.95
C THR A 384 -4.34 6.43 13.95
N ASN A 385 -5.02 6.25 12.82
CA ASN A 385 -4.35 5.67 11.66
C ASN A 385 -3.19 6.53 11.18
N SER A 386 -3.24 7.84 11.43
CA SER A 386 -2.14 8.73 11.05
C SER A 386 -0.92 8.59 11.96
N VAL A 387 -0.95 7.67 12.93
CA VAL A 387 0.14 7.49 13.88
C VAL A 387 0.87 6.20 13.57
N VAL A 388 0.16 5.22 13.00
CA VAL A 388 0.65 3.85 12.99
C VAL A 388 1.70 3.60 11.90
N ASN A 389 1.63 4.29 10.76
CA ASN A 389 2.51 3.94 9.65
C ASN A 389 4.00 4.07 9.97
N PRO A 390 4.48 5.12 10.64
CA PRO A 390 5.91 5.15 11.00
C PRO A 390 6.37 3.96 11.83
N PHE A 391 5.49 3.40 12.66
CA PHE A 391 5.87 2.22 13.45
C PHE A 391 5.99 0.99 12.58
N ILE A 392 5.11 0.85 11.58
CA ILE A 392 5.20 -0.29 10.68
C ILE A 392 6.49 -0.24 9.87
N TYR A 393 6.84 0.94 9.37
CA TYR A 393 8.10 1.08 8.64
C TYR A 393 9.29 0.77 9.53
N ALA A 394 9.25 1.21 10.79
CA ALA A 394 10.38 1.02 11.70
C ALA A 394 10.54 -0.44 12.09
N TYR A 395 9.43 -1.15 12.27
CA TYR A 395 9.51 -2.55 12.69
C TYR A 395 9.73 -3.52 11.55
N ARG A 396 9.37 -3.15 10.32
CA ARG A 396 9.40 -4.08 9.20
C ARG A 396 10.39 -3.74 8.10
N ILE A 397 10.95 -2.52 8.07
CA ILE A 397 11.84 -2.11 7.00
C ILE A 397 13.16 -1.63 7.64
N ARG A 398 14.23 -2.40 7.42
CA ARG A 398 15.49 -2.12 8.10
C ARG A 398 16.07 -0.77 7.68
N GLU A 399 15.93 -0.42 6.40
CA GLU A 399 16.50 0.84 5.90
C GLU A 399 15.86 2.03 6.58
N PHE A 400 14.55 1.97 6.83
CA PHE A 400 13.88 3.03 7.59
C PHE A 400 14.31 3.02 9.05
N ARG A 401 14.35 1.82 9.66
CA ARG A 401 14.68 1.71 11.07
C ARG A 401 16.08 2.23 11.36
N GLN A 402 17.05 1.92 10.49
CA GLN A 402 18.40 2.42 10.69
C GLN A 402 18.48 3.92 10.44
N THR A 403 17.74 4.42 9.45
CA THR A 403 17.74 5.85 9.19
C THR A 403 17.06 6.61 10.32
N PHE A 404 15.99 6.03 10.89
CA PHE A 404 15.35 6.65 12.05
C PHE A 404 16.33 6.79 13.20
N ARG A 405 17.09 5.72 13.49
CA ARG A 405 18.05 5.76 14.59
C ARG A 405 19.12 6.82 14.37
N LYS A 406 19.63 6.92 13.13
CA LYS A 406 20.64 7.94 12.85
C LYS A 406 20.08 9.34 13.04
N ILE A 407 18.85 9.58 12.59
CA ILE A 407 18.24 10.90 12.77
C ILE A 407 18.05 11.20 14.25
N ILE A 408 17.56 10.22 15.01
CA ILE A 408 17.27 10.45 16.42
C ILE A 408 18.56 10.61 17.22
N ARG A 409 19.53 9.72 17.00
CA ARG A 409 20.79 9.81 17.73
C ARG A 409 21.52 11.11 17.43
N SER A 410 21.69 11.42 16.15
CA SER A 410 22.39 12.63 15.74
C SER A 410 21.58 13.89 15.99
N HIS A 411 20.34 13.78 16.46
CA HIS A 411 19.52 14.94 16.79
C HIS A 411 18.71 14.69 18.05
#